data_3HVZ
#
_entry.id   3HVZ
#
_cell.length_a   107.765
_cell.length_b   110.396
_cell.length_c   107.957
_cell.angle_alpha   90.000
_cell.angle_beta   90.000
_cell.angle_gamma   90.000
#
_symmetry.space_group_name_H-M   'C 2 2 21'
#
loop_
_entity.id
_entity.type
_entity.pdbx_description
1 polymer 'Uncharacterized protein'
2 water water
#
_entity_poly.entity_id   1
_entity_poly.type   'polypeptide(L)'
_entity_poly.pdbx_seq_one_letter_code
;(MSE)DLAPEEVFVFTPKGDVISLPIGSTVIDFAYAIHSAVGNR(MSE)IGAKVDGRIVPIDYKVKTGEIIDVLTTKELE
HHHHHH
;
_entity_poly.pdbx_strand_id   A,B,C,D,E,F
#
# COMPACT_ATOMS: atom_id res chain seq x y z
N GLU A 6 -4.29 -3.66 41.77
CA GLU A 6 -2.99 -4.39 41.63
C GLU A 6 -2.98 -5.26 40.37
N GLU A 7 -4.13 -5.38 39.72
CA GLU A 7 -4.29 -6.18 38.50
C GLU A 7 -5.10 -5.45 37.43
N VAL A 8 -4.88 -5.87 36.18
CA VAL A 8 -5.59 -5.32 35.04
C VAL A 8 -6.10 -6.51 34.23
N PHE A 9 -7.31 -6.40 33.68
CA PHE A 9 -7.88 -7.50 32.90
C PHE A 9 -8.08 -7.07 31.45
N VAL A 10 -7.15 -7.46 30.60
CA VAL A 10 -7.19 -7.11 29.18
C VAL A 10 -7.73 -8.24 28.32
N PHE A 11 -8.46 -7.89 27.27
CA PHE A 11 -9.04 -8.87 26.37
C PHE A 11 -8.16 -9.21 25.17
N THR A 12 -8.40 -10.40 24.67
CA THR A 12 -7.72 -10.94 23.51
C THR A 12 -8.71 -10.66 22.37
N PRO A 13 -8.22 -10.54 21.13
CA PRO A 13 -9.19 -10.27 20.07
C PRO A 13 -10.33 -11.29 19.99
N LYS A 14 -10.11 -12.48 20.52
CA LYS A 14 -11.13 -13.51 20.49
C LYS A 14 -12.20 -13.28 21.56
N GLY A 15 -11.78 -12.69 22.69
CA GLY A 15 -12.72 -12.42 23.77
C GLY A 15 -12.27 -12.99 25.10
N ASP A 16 -11.20 -13.79 25.07
CA ASP A 16 -10.68 -14.37 26.30
C ASP A 16 -9.95 -13.30 27.10
N VAL A 17 -9.87 -13.50 28.41
CA VAL A 17 -9.27 -12.54 29.32
C VAL A 17 -7.90 -12.96 29.80
N ILE A 18 -6.98 -12.00 29.91
CA ILE A 18 -5.64 -12.31 30.41
C ILE A 18 -5.30 -11.26 31.47
N SER A 19 -5.00 -11.73 32.66
CA SER A 19 -4.70 -10.82 33.75
C SER A 19 -3.23 -10.61 34.02
N LEU A 20 -2.88 -9.35 34.24
CA LEU A 20 -1.50 -8.93 34.47
C LEU A 20 -1.47 -7.93 35.62
N PRO A 21 -0.33 -7.83 36.31
CA PRO A 21 -0.24 -6.87 37.41
C PRO A 21 -0.22 -5.47 36.84
N ILE A 22 -0.81 -4.52 37.57
CA ILE A 22 -0.87 -3.13 37.12
C ILE A 22 0.53 -2.65 36.70
N GLY A 23 0.60 -1.98 35.56
CA GLY A 23 1.89 -1.49 35.08
C GLY A 23 2.46 -2.35 33.97
N SER A 24 1.72 -3.38 33.58
CA SER A 24 2.14 -4.28 32.52
C SER A 24 1.99 -3.63 31.15
N THR A 25 2.94 -3.91 30.26
CA THR A 25 2.94 -3.35 28.90
C THR A 25 2.43 -4.36 27.89
N VAL A 26 2.27 -3.93 26.65
CA VAL A 26 1.80 -4.82 25.60
C VAL A 26 2.81 -5.96 25.40
N ILE A 27 4.06 -5.73 25.78
CA ILE A 27 5.06 -6.79 25.65
C ILE A 27 4.76 -7.86 26.70
N ASP A 28 4.35 -7.43 27.90
CA ASP A 28 4.01 -8.38 28.96
C ASP A 28 2.80 -9.18 28.54
N PHE A 29 1.87 -8.55 27.84
CA PHE A 29 0.68 -9.23 27.38
C PHE A 29 1.06 -10.31 26.36
N ALA A 30 1.94 -9.95 25.42
CA ALA A 30 2.38 -10.89 24.39
C ALA A 30 2.96 -12.15 25.04
N TYR A 31 3.95 -11.96 25.92
CA TYR A 31 4.56 -13.10 26.61
C TYR A 31 3.56 -13.84 27.49
N ALA A 32 2.53 -13.15 27.95
CA ALA A 32 1.52 -13.81 28.78
C ALA A 32 0.75 -14.80 27.91
N ILE A 33 0.45 -14.41 26.67
CA ILE A 33 -0.27 -15.28 25.73
C ILE A 33 0.55 -16.54 25.53
N HIS A 34 1.79 -16.33 25.09
CA HIS A 34 2.72 -17.43 24.83
C HIS A 34 4.08 -16.86 24.50
N SER A 35 5.11 -17.58 24.90
CA SER A 35 6.48 -17.17 24.64
C SER A 35 6.70 -16.95 23.14
N ALA A 36 6.10 -17.78 22.29
CA ALA A 36 6.27 -17.64 20.85
C ALA A 36 5.73 -16.29 20.34
N VAL A 37 4.68 -15.80 20.96
CA VAL A 37 4.08 -14.51 20.58
C VAL A 37 5.03 -13.38 20.99
N GLY A 38 5.50 -13.44 22.24
CA GLY A 38 6.41 -12.42 22.73
C GLY A 38 7.73 -12.36 21.96
N ASN A 39 8.29 -13.53 21.63
CA ASN A 39 9.56 -13.59 20.90
C ASN A 39 9.47 -13.08 19.46
N ARG A 40 8.31 -13.27 18.83
CA ARG A 40 8.10 -12.85 17.45
C ARG A 40 7.33 -11.54 17.31
N MSE A 41 7.08 -10.85 18.42
CA MSE A 41 6.33 -9.60 18.38
C MSE A 41 7.03 -8.47 17.63
O MSE A 41 8.24 -8.31 17.75
CB MSE A 41 6.04 -9.13 19.82
CG MSE A 41 5.22 -7.85 19.89
SE MSE A 41 4.81 -7.31 21.72
CE MSE A 41 4.39 -5.44 21.41
N ILE A 42 6.27 -7.73 16.85
CA ILE A 42 6.81 -6.58 16.13
C ILE A 42 6.03 -5.32 16.54
N GLY A 43 4.88 -5.51 17.16
CA GLY A 43 4.06 -4.39 17.57
C GLY A 43 2.70 -4.81 18.12
N ALA A 44 1.94 -3.86 18.64
CA ALA A 44 0.64 -4.19 19.19
C ALA A 44 -0.40 -3.12 18.93
N LYS A 45 -1.64 -3.56 18.76
CA LYS A 45 -2.73 -2.62 18.55
C LYS A 45 -3.68 -2.78 19.73
N VAL A 46 -4.13 -1.64 20.25
CA VAL A 46 -5.04 -1.59 21.38
C VAL A 46 -6.34 -0.96 20.92
N ASP A 47 -7.40 -1.76 20.91
CA ASP A 47 -8.71 -1.32 20.47
C ASP A 47 -8.60 -0.84 19.04
N GLY A 48 -7.82 -1.56 18.25
CA GLY A 48 -7.66 -1.22 16.85
C GLY A 48 -6.63 -0.15 16.48
N ARG A 49 -5.97 0.45 17.45
CA ARG A 49 -4.97 1.48 17.14
C ARG A 49 -3.58 1.08 17.59
N ILE A 50 -2.61 1.32 16.72
CA ILE A 50 -1.23 0.98 17.00
C ILE A 50 -0.75 1.81 18.19
N VAL A 51 0.09 1.22 19.03
CA VAL A 51 0.64 1.93 20.18
C VAL A 51 2.10 1.56 20.34
N PRO A 52 2.86 2.39 21.07
CA PRO A 52 4.28 2.12 21.28
C PRO A 52 4.48 0.78 22.04
N ILE A 53 5.65 0.18 21.86
CA ILE A 53 5.99 -1.08 22.48
C ILE A 53 5.97 -1.11 24.02
N ASP A 54 6.03 0.05 24.66
CA ASP A 54 6.01 0.12 26.13
C ASP A 54 4.70 0.69 26.66
N TYR A 55 3.67 0.65 25.82
CA TYR A 55 2.34 1.13 26.19
C TYR A 55 1.82 0.30 27.38
N LYS A 56 1.41 0.98 28.45
CA LYS A 56 0.89 0.31 29.63
C LYS A 56 -0.59 0.04 29.41
N VAL A 57 -0.95 -1.24 29.41
CA VAL A 57 -2.32 -1.63 29.14
C VAL A 57 -3.34 -1.35 30.28
N LYS A 58 -4.60 -1.23 29.92
CA LYS A 58 -5.66 -0.94 30.89
C LYS A 58 -6.80 -1.95 30.77
N THR A 59 -7.43 -2.23 31.91
CA THR A 59 -8.55 -3.16 31.95
C THR A 59 -9.62 -2.83 30.93
N GLY A 60 -10.11 -3.85 30.23
CA GLY A 60 -11.13 -3.63 29.24
C GLY A 60 -10.62 -3.46 27.81
N GLU A 61 -9.35 -3.12 27.66
CA GLU A 61 -8.78 -2.95 26.33
C GLU A 61 -8.58 -4.28 25.61
N ILE A 62 -8.76 -4.27 24.29
CA ILE A 62 -8.56 -5.45 23.47
C ILE A 62 -7.18 -5.30 22.84
N ILE A 63 -6.28 -6.22 23.17
CA ILE A 63 -4.92 -6.16 22.65
C ILE A 63 -4.68 -7.16 21.54
N ASP A 64 -4.30 -6.64 20.37
CA ASP A 64 -4.01 -7.46 19.19
C ASP A 64 -2.50 -7.39 18.91
N VAL A 65 -1.79 -8.46 19.27
CA VAL A 65 -0.35 -8.52 19.07
C VAL A 65 0.03 -8.93 17.66
N LEU A 66 0.85 -8.11 17.01
CA LEU A 66 1.32 -8.38 15.66
C LEU A 66 2.64 -9.12 15.73
N THR A 67 2.74 -10.18 14.94
CA THR A 67 3.91 -11.01 14.90
C THR A 67 4.61 -10.93 13.56
N THR A 68 5.91 -11.20 13.60
CA THR A 68 6.78 -11.14 12.43
C THR A 68 6.24 -11.88 11.20
N LYS A 69 5.41 -12.89 11.41
CA LYS A 69 4.85 -13.62 10.29
C LYS A 69 4.05 -12.64 9.41
N GLU B 6 -22.48 -26.62 22.61
CA GLU B 6 -21.84 -25.99 23.81
C GLU B 6 -20.35 -25.68 23.60
N GLU B 7 -19.64 -25.49 24.71
CA GLU B 7 -18.21 -25.15 24.65
C GLU B 7 -17.45 -25.75 25.82
N VAL B 8 -16.11 -25.76 25.69
CA VAL B 8 -15.22 -26.24 26.73
C VAL B 8 -14.30 -25.09 27.11
N PHE B 9 -13.81 -25.11 28.35
CA PHE B 9 -12.92 -24.05 28.82
C PHE B 9 -11.67 -24.64 29.46
N VAL B 10 -10.50 -24.24 28.98
CA VAL B 10 -9.25 -24.75 29.51
C VAL B 10 -8.33 -23.65 30.00
N PHE B 11 -7.28 -24.07 30.70
CA PHE B 11 -6.29 -23.14 31.25
C PHE B 11 -5.04 -23.00 30.41
N THR B 12 -4.40 -21.86 30.60
CA THR B 12 -3.15 -21.52 29.96
C THR B 12 -2.12 -21.82 31.05
N PRO B 13 -0.88 -22.17 30.68
CA PRO B 13 0.11 -22.46 31.73
C PRO B 13 0.32 -21.31 32.71
N LYS B 14 -0.09 -20.11 32.29
CA LYS B 14 0.05 -18.92 33.12
C LYS B 14 -1.13 -18.82 34.11
N GLY B 15 -2.28 -19.35 33.72
CA GLY B 15 -3.43 -19.31 34.62
C GLY B 15 -4.68 -18.77 33.96
N ASP B 16 -4.48 -18.11 32.83
CA ASP B 16 -5.61 -17.52 32.11
C ASP B 16 -6.49 -18.58 31.51
N VAL B 17 -7.75 -18.20 31.34
CA VAL B 17 -8.75 -19.11 30.81
C VAL B 17 -9.19 -18.80 29.41
N ILE B 18 -9.32 -19.84 28.60
CA ILE B 18 -9.76 -19.63 27.23
C ILE B 18 -10.87 -20.62 26.89
N SER B 19 -11.87 -20.12 26.17
CA SER B 19 -13.03 -20.92 25.79
C SER B 19 -12.94 -21.37 24.35
N LEU B 20 -13.42 -22.58 24.12
CA LEU B 20 -13.41 -23.20 22.80
C LEU B 20 -14.67 -24.02 22.62
N PRO B 21 -15.11 -24.22 21.38
CA PRO B 21 -16.33 -25.01 21.19
C PRO B 21 -16.05 -26.47 21.52
N ILE B 22 -17.08 -27.20 21.95
CA ILE B 22 -16.93 -28.62 22.30
C ILE B 22 -16.27 -29.38 21.15
N GLY B 23 -15.35 -30.28 21.48
CA GLY B 23 -14.67 -31.03 20.44
C GLY B 23 -13.33 -30.48 20.00
N SER B 24 -13.05 -29.23 20.36
CA SER B 24 -11.79 -28.57 20.01
C SER B 24 -10.58 -29.39 20.47
N THR B 25 -9.58 -29.49 19.60
CA THR B 25 -8.34 -30.21 19.90
C THR B 25 -7.29 -29.20 20.34
N VAL B 26 -6.13 -29.68 20.77
CA VAL B 26 -5.08 -28.78 21.22
C VAL B 26 -4.63 -27.85 20.11
N ILE B 27 -4.89 -28.27 18.86
CA ILE B 27 -4.54 -27.45 17.71
C ILE B 27 -5.49 -26.24 17.64
N ASP B 28 -6.77 -26.47 17.93
CA ASP B 28 -7.73 -25.36 17.91
C ASP B 28 -7.35 -24.40 19.02
N PHE B 29 -6.91 -24.95 20.14
CA PHE B 29 -6.50 -24.10 21.25
C PHE B 29 -5.32 -23.22 20.79
N ALA B 30 -4.31 -23.84 20.19
CA ALA B 30 -3.12 -23.13 19.73
C ALA B 30 -3.45 -21.90 18.89
N TYR B 31 -4.29 -22.07 17.88
CA TYR B 31 -4.69 -20.96 17.02
C TYR B 31 -5.55 -19.96 17.79
N ALA B 32 -6.43 -20.46 18.66
CA ALA B 32 -7.30 -19.57 19.43
C ALA B 32 -6.50 -18.55 20.26
N ILE B 33 -5.42 -19.02 20.88
CA ILE B 33 -4.57 -18.16 21.71
C ILE B 33 -3.85 -17.12 20.84
N HIS B 34 -3.42 -17.54 19.65
CA HIS B 34 -2.75 -16.64 18.72
C HIS B 34 -2.34 -17.40 17.47
N SER B 35 -2.48 -16.74 16.33
CA SER B 35 -2.12 -17.35 15.06
C SER B 35 -0.68 -17.84 15.07
N ALA B 36 0.21 -17.04 15.66
CA ALA B 36 1.62 -17.41 15.69
C ALA B 36 1.86 -18.76 16.39
N VAL B 37 1.16 -18.98 17.50
CA VAL B 37 1.31 -20.22 18.25
C VAL B 37 0.88 -21.41 17.37
N GLY B 38 -0.29 -21.27 16.74
CA GLY B 38 -0.79 -22.32 15.86
C GLY B 38 0.18 -22.58 14.72
N ASN B 39 0.60 -21.52 14.05
CA ASN B 39 1.52 -21.62 12.93
C ASN B 39 2.88 -22.28 13.24
N ARG B 40 3.42 -22.05 14.43
CA ARG B 40 4.72 -22.62 14.80
C ARG B 40 4.63 -23.86 15.70
N MSE B 41 3.42 -24.35 15.91
CA MSE B 41 3.20 -25.51 16.75
C MSE B 41 3.79 -26.83 16.21
O MSE B 41 3.80 -27.05 14.99
CB MSE B 41 1.70 -25.65 16.99
CG MSE B 41 1.24 -27.03 17.37
SE MSE B 41 -0.67 -27.08 17.51
CE MSE B 41 -0.79 -27.68 19.36
N ILE B 42 4.29 -27.67 17.10
CA ILE B 42 4.83 -28.98 16.72
C ILE B 42 4.44 -30.02 17.75
N GLY B 43 4.21 -29.56 18.98
CA GLY B 43 3.83 -30.47 20.05
C GLY B 43 2.84 -29.89 21.03
N ALA B 44 2.35 -30.72 21.94
CA ALA B 44 1.39 -30.28 22.92
C ALA B 44 1.44 -31.08 24.19
N LYS B 45 1.32 -30.37 25.30
CA LYS B 45 1.31 -30.96 26.63
C LYS B 45 -0.01 -30.59 27.30
N VAL B 46 -0.62 -31.58 27.94
CA VAL B 46 -1.87 -31.41 28.66
C VAL B 46 -1.62 -31.81 30.10
N ASP B 47 -1.89 -30.89 31.02
CA ASP B 47 -1.66 -31.11 32.45
C ASP B 47 -0.23 -31.58 32.70
N GLY B 48 0.70 -31.09 31.89
CA GLY B 48 2.10 -31.44 32.06
C GLY B 48 2.58 -32.70 31.34
N ARG B 49 1.68 -33.44 30.73
CA ARG B 49 2.07 -34.66 30.03
C ARG B 49 1.80 -34.53 28.53
N ILE B 50 2.82 -34.87 27.75
CA ILE B 50 2.75 -34.83 26.28
C ILE B 50 1.55 -35.60 25.79
N VAL B 51 0.90 -35.10 24.75
CA VAL B 51 -0.23 -35.78 24.18
C VAL B 51 -0.21 -35.61 22.67
N PRO B 52 -0.94 -36.48 21.94
CA PRO B 52 -0.94 -36.31 20.48
C PRO B 52 -1.57 -34.95 20.18
N ILE B 53 -1.15 -34.34 19.06
CA ILE B 53 -1.61 -33.03 18.66
C ILE B 53 -3.11 -32.87 18.36
N ASP B 54 -3.80 -33.99 18.13
CA ASP B 54 -5.22 -33.92 17.85
C ASP B 54 -6.05 -34.32 19.06
N TYR B 55 -5.45 -34.25 20.24
CA TYR B 55 -6.12 -34.58 21.48
C TYR B 55 -7.29 -33.60 21.71
N LYS B 56 -8.44 -34.14 22.12
CA LYS B 56 -9.63 -33.32 22.38
C LYS B 56 -9.59 -32.83 23.82
N VAL B 57 -9.42 -31.53 23.99
CA VAL B 57 -9.31 -30.96 25.32
C VAL B 57 -10.58 -31.06 26.17
N LYS B 58 -10.38 -31.08 27.49
CA LYS B 58 -11.48 -31.17 28.45
C LYS B 58 -11.42 -30.00 29.41
N THR B 59 -12.59 -29.49 29.80
CA THR B 59 -12.67 -28.37 30.71
C THR B 59 -11.81 -28.58 31.96
N GLY B 60 -11.02 -27.58 32.30
CA GLY B 60 -10.17 -27.67 33.47
C GLY B 60 -8.72 -28.03 33.17
N GLU B 61 -8.46 -28.60 32.00
CA GLU B 61 -7.08 -28.98 31.63
C GLU B 61 -6.18 -27.78 31.33
N ILE B 62 -4.89 -27.93 31.64
CA ILE B 62 -3.90 -26.91 31.39
C ILE B 62 -3.18 -27.31 30.09
N ILE B 63 -3.26 -26.45 29.08
CA ILE B 63 -2.67 -26.72 27.77
C ILE B 63 -1.40 -25.91 27.50
N ASP B 64 -0.29 -26.64 27.33
CA ASP B 64 0.98 -26.00 27.05
C ASP B 64 1.42 -26.38 25.64
N VAL B 65 1.37 -25.44 24.70
CA VAL B 65 1.75 -25.71 23.32
C VAL B 65 3.25 -25.54 23.03
N LEU B 66 3.86 -26.59 22.47
CA LEU B 66 5.27 -26.54 22.13
C LEU B 66 5.39 -25.98 20.71
N THR B 67 6.23 -24.96 20.52
CA THR B 67 6.42 -24.38 19.18
C THR B 67 7.85 -24.56 18.69
N THR B 68 8.03 -24.45 17.37
CA THR B 68 9.34 -24.63 16.77
C THR B 68 10.47 -23.86 17.45
N LYS B 69 11.31 -24.61 18.14
CA LYS B 69 12.44 -24.06 18.88
C LYS B 69 13.75 -24.16 18.08
N GLU C 6 -15.26 -5.74 7.06
CA GLU C 6 -14.26 -6.49 6.24
C GLU C 6 -13.24 -5.53 5.63
N GLU C 7 -12.09 -6.07 5.25
CA GLU C 7 -11.02 -5.26 4.68
C GLU C 7 -10.31 -5.87 3.48
N VAL C 8 -9.67 -5.01 2.69
CA VAL C 8 -8.89 -5.44 1.53
C VAL C 8 -7.43 -5.15 1.84
N PHE C 9 -6.54 -5.91 1.24
CA PHE C 9 -5.11 -5.75 1.47
C PHE C 9 -4.36 -5.53 0.17
N VAL C 10 -3.83 -4.32 0.00
CA VAL C 10 -3.09 -3.96 -1.20
C VAL C 10 -1.61 -3.71 -0.91
N PHE C 11 -0.79 -3.70 -1.95
CA PHE C 11 0.64 -3.48 -1.81
C PHE C 11 1.14 -2.16 -2.36
N THR C 12 2.19 -1.62 -1.72
CA THR C 12 2.81 -0.38 -2.19
C THR C 12 3.82 -0.93 -3.19
N PRO C 13 4.29 -0.09 -4.12
CA PRO C 13 5.27 -0.59 -5.09
C PRO C 13 6.49 -1.20 -4.43
N LYS C 14 6.77 -0.80 -3.20
CA LYS C 14 7.91 -1.35 -2.48
C LYS C 14 7.64 -2.79 -2.03
N GLY C 15 6.38 -3.12 -1.76
CA GLY C 15 6.06 -4.48 -1.34
C GLY C 15 5.38 -4.55 0.01
N ASP C 16 5.19 -3.38 0.62
CA ASP C 16 4.55 -3.31 1.93
C ASP C 16 3.03 -3.40 1.81
N VAL C 17 2.40 -4.07 2.77
CA VAL C 17 0.95 -4.23 2.74
C VAL C 17 0.22 -3.17 3.53
N ILE C 18 -0.83 -2.59 2.95
CA ILE C 18 -1.61 -1.64 3.71
C ILE C 18 -3.07 -2.10 3.62
N SER C 19 -3.73 -2.15 4.77
CA SER C 19 -5.11 -2.61 4.86
C SER C 19 -6.11 -1.47 4.75
N LEU C 20 -7.22 -1.72 4.08
CA LEU C 20 -8.25 -0.71 3.90
C LEU C 20 -9.63 -1.33 4.00
N PRO C 21 -10.63 -0.57 4.45
CA PRO C 21 -11.97 -1.17 4.53
C PRO C 21 -12.49 -1.46 3.11
N ILE C 22 -13.33 -2.48 2.97
CA ILE C 22 -13.85 -2.83 1.65
C ILE C 22 -14.54 -1.63 1.04
N GLY C 23 -14.34 -1.43 -0.27
CA GLY C 23 -14.94 -0.31 -0.96
C GLY C 23 -14.02 0.89 -1.11
N SER C 24 -12.87 0.84 -0.46
CA SER C 24 -11.89 1.94 -0.51
C SER C 24 -11.33 2.16 -1.91
N THR C 25 -11.00 3.41 -2.21
CA THR C 25 -10.45 3.78 -3.53
C THR C 25 -8.96 4.11 -3.46
N VAL C 26 -8.38 4.43 -4.60
CA VAL C 26 -6.97 4.78 -4.65
C VAL C 26 -6.72 6.07 -3.85
N ILE C 27 -7.78 6.86 -3.68
CA ILE C 27 -7.69 8.10 -2.92
C ILE C 27 -7.49 7.76 -1.45
N ASP C 28 -8.32 6.84 -0.95
CA ASP C 28 -8.24 6.41 0.44
C ASP C 28 -6.88 5.78 0.71
N PHE C 29 -6.41 5.00 -0.26
CA PHE C 29 -5.11 4.36 -0.15
C PHE C 29 -4.03 5.43 -0.01
N ALA C 30 -4.08 6.45 -0.87
CA ALA C 30 -3.09 7.52 -0.84
C ALA C 30 -3.05 8.19 0.52
N TYR C 31 -4.24 8.54 1.03
CA TYR C 31 -4.32 9.19 2.33
C TYR C 31 -3.95 8.22 3.46
N ALA C 32 -4.13 6.92 3.21
CA ALA C 32 -3.80 5.90 4.20
C ALA C 32 -2.30 5.87 4.43
N ILE C 33 -1.54 6.13 3.37
CA ILE C 33 -0.09 6.15 3.47
C ILE C 33 0.34 7.42 4.19
N HIS C 34 -0.13 8.55 3.71
CA HIS C 34 0.22 9.82 4.31
C HIS C 34 -0.59 10.93 3.66
N SER C 35 -1.00 11.92 4.43
CA SER C 35 -1.77 13.00 3.86
C SER C 35 -1.00 13.75 2.76
N ALA C 36 0.32 13.66 2.75
CA ALA C 36 1.12 14.35 1.72
C ALA C 36 0.94 13.73 0.34
N VAL C 37 0.84 12.40 0.30
CA VAL C 37 0.65 11.72 -0.97
C VAL C 37 -0.82 11.89 -1.40
N GLY C 38 -1.72 11.91 -0.42
CA GLY C 38 -3.12 12.10 -0.71
C GLY C 38 -3.38 13.50 -1.24
N ASN C 39 -2.69 14.50 -0.69
CA ASN C 39 -2.88 15.87 -1.12
C ASN C 39 -2.14 16.29 -2.39
N ARG C 40 -1.06 15.59 -2.73
CA ARG C 40 -0.29 15.88 -3.94
C ARG C 40 -0.59 14.90 -5.07
N MSE C 41 -1.55 14.00 -4.84
CA MSE C 41 -1.91 12.99 -5.82
C MSE C 41 -2.53 13.56 -7.10
O MSE C 41 -3.51 14.31 -7.04
CB MSE C 41 -2.87 11.99 -5.20
CG MSE C 41 -3.56 11.08 -6.19
SE MSE C 41 -4.88 9.94 -5.34
CE MSE C 41 -4.22 8.23 -5.92
N ILE C 42 -1.98 13.19 -8.25
CA ILE C 42 -2.50 13.65 -9.54
C ILE C 42 -3.11 12.48 -10.32
N GLY C 43 -2.96 11.27 -9.76
CA GLY C 43 -3.48 10.09 -10.43
C GLY C 43 -3.01 8.81 -9.76
N ALA C 44 -3.38 7.67 -10.32
CA ALA C 44 -2.98 6.39 -9.75
C ALA C 44 -2.89 5.29 -10.78
N LYS C 45 -1.98 4.35 -10.55
CA LYS C 45 -1.82 3.21 -11.44
C LYS C 45 -1.91 1.96 -10.61
N VAL C 46 -2.79 1.05 -11.02
CA VAL C 46 -2.96 -0.22 -10.32
C VAL C 46 -2.37 -1.33 -11.17
N ASP C 47 -1.44 -2.06 -10.59
CA ASP C 47 -0.74 -3.13 -11.27
C ASP C 47 -0.18 -2.70 -12.61
N GLY C 48 0.34 -1.48 -12.66
CA GLY C 48 0.93 -0.98 -13.89
C GLY C 48 0.03 -0.27 -14.89
N ARG C 49 -1.27 -0.25 -14.65
CA ARG C 49 -2.18 0.43 -15.58
C ARG C 49 -2.87 1.62 -14.92
N ILE C 50 -3.00 2.71 -15.68
CA ILE C 50 -3.64 3.93 -15.18
C ILE C 50 -5.12 3.66 -14.93
N VAL C 51 -5.67 4.24 -13.88
CA VAL C 51 -7.08 4.06 -13.55
C VAL C 51 -7.64 5.36 -12.97
N PRO C 52 -8.98 5.50 -12.99
CA PRO C 52 -9.62 6.71 -12.46
C PRO C 52 -9.40 6.87 -10.95
N ILE C 53 -9.30 8.11 -10.49
CA ILE C 53 -9.06 8.38 -9.08
C ILE C 53 -10.06 7.75 -8.13
N ASP C 54 -11.23 7.36 -8.62
CA ASP C 54 -12.23 6.77 -7.74
C ASP C 54 -12.31 5.26 -7.90
N TYR C 55 -11.29 4.68 -8.52
CA TYR C 55 -11.23 3.23 -8.72
C TYR C 55 -11.20 2.51 -7.37
N LYS C 56 -12.05 1.50 -7.21
CA LYS C 56 -12.10 0.73 -5.98
C LYS C 56 -11.03 -0.37 -6.03
N VAL C 57 -10.10 -0.35 -5.07
CA VAL C 57 -9.02 -1.33 -5.04
C VAL C 57 -9.44 -2.70 -4.53
N LYS C 58 -8.71 -3.72 -4.96
CA LYS C 58 -8.98 -5.10 -4.57
C LYS C 58 -7.73 -5.75 -4.00
N THR C 59 -7.92 -6.64 -3.03
CA THR C 59 -6.80 -7.32 -2.40
C THR C 59 -5.79 -7.89 -3.40
N GLY C 60 -4.52 -7.73 -3.08
CA GLY C 60 -3.45 -8.23 -3.93
C GLY C 60 -2.91 -7.25 -4.95
N GLU C 61 -3.65 -6.20 -5.27
CA GLU C 61 -3.19 -5.22 -6.27
C GLU C 61 -2.05 -4.33 -5.79
N ILE C 62 -1.20 -3.90 -6.73
CA ILE C 62 -0.08 -3.02 -6.44
C ILE C 62 -0.54 -1.59 -6.75
N ILE C 63 -0.64 -0.74 -5.72
CA ILE C 63 -1.09 0.63 -5.92
C ILE C 63 0.05 1.63 -5.99
N ASP C 64 0.17 2.29 -7.14
CA ASP C 64 1.23 3.25 -7.37
C ASP C 64 0.64 4.65 -7.55
N VAL C 65 0.63 5.43 -6.47
CA VAL C 65 0.08 6.78 -6.52
C VAL C 65 1.06 7.75 -7.17
N LEU C 66 0.62 8.46 -8.20
CA LEU C 66 1.50 9.42 -8.86
C LEU C 66 1.29 10.80 -8.26
N THR C 67 2.37 11.53 -8.10
CA THR C 67 2.30 12.87 -7.53
C THR C 67 2.95 13.91 -8.42
N THR C 68 2.89 15.17 -7.99
CA THR C 68 3.44 16.30 -8.73
C THR C 68 4.73 16.01 -9.51
N LYS C 69 5.67 15.30 -8.89
CA LYS C 69 6.92 14.96 -9.55
C LYS C 69 6.73 13.88 -10.61
N GLU D 6 18.93 -8.14 10.76
CA GLU D 6 18.54 -8.27 9.32
C GLU D 6 17.51 -7.21 8.88
N GLU D 7 16.28 -7.31 9.39
CA GLU D 7 15.23 -6.37 9.03
C GLU D 7 14.50 -5.83 10.26
N VAL D 8 14.02 -4.59 10.16
CA VAL D 8 13.27 -4.01 11.26
C VAL D 8 11.87 -3.78 10.70
N PHE D 9 10.88 -3.84 11.58
CA PHE D 9 9.49 -3.66 11.19
C PHE D 9 8.88 -2.52 11.98
N VAL D 10 8.59 -1.43 11.28
CA VAL D 10 8.01 -0.25 11.89
C VAL D 10 6.62 0.01 11.35
N PHE D 11 5.92 0.96 11.98
CA PHE D 11 4.55 1.31 11.64
C PHE D 11 4.24 2.76 11.25
N THR D 12 3.25 2.93 10.38
CA THR D 12 2.77 4.25 9.99
C THR D 12 1.76 4.51 11.11
N PRO D 13 1.38 5.78 11.33
CA PRO D 13 0.42 6.07 12.39
C PRO D 13 -0.89 5.31 12.22
N LYS D 14 -1.14 4.87 10.99
CA LYS D 14 -2.35 4.14 10.68
C LYS D 14 -2.29 2.71 11.19
N GLY D 15 -1.09 2.15 11.29
CA GLY D 15 -0.95 0.80 11.80
C GLY D 15 -0.45 -0.22 10.79
N ASP D 16 -0.04 0.22 9.61
CA ASP D 16 0.47 -0.70 8.62
C ASP D 16 1.96 -0.95 8.84
N VAL D 17 2.39 -2.17 8.53
CA VAL D 17 3.78 -2.56 8.70
C VAL D 17 4.67 -2.29 7.49
N ILE D 18 5.78 -1.59 7.73
CA ILE D 18 6.74 -1.31 6.68
C ILE D 18 8.07 -1.92 7.13
N SER D 19 8.61 -2.81 6.30
CA SER D 19 9.86 -3.48 6.63
C SER D 19 11.06 -2.83 5.97
N LEU D 20 12.10 -2.60 6.77
CA LEU D 20 13.30 -1.94 6.29
C LEU D 20 14.55 -2.69 6.72
N PRO D 21 15.64 -2.54 5.96
CA PRO D 21 16.85 -3.26 6.38
C PRO D 21 17.35 -2.64 7.70
N ILE D 22 17.91 -3.46 8.58
CA ILE D 22 18.42 -2.96 9.85
C ILE D 22 19.40 -1.82 9.55
N GLY D 23 19.29 -0.74 10.32
CA GLY D 23 20.15 0.40 10.10
C GLY D 23 19.44 1.55 9.38
N SER D 24 18.24 1.30 8.86
CA SER D 24 17.49 2.35 8.17
C SER D 24 17.03 3.43 9.13
N THR D 25 16.96 4.64 8.61
CA THR D 25 16.57 5.83 9.35
C THR D 25 15.15 6.24 9.00
N VAL D 26 14.65 7.29 9.65
CA VAL D 26 13.29 7.72 9.32
C VAL D 26 13.26 8.21 7.87
N ILE D 27 14.40 8.67 7.35
CA ILE D 27 14.46 9.13 5.97
C ILE D 27 14.16 7.94 5.06
N ASP D 28 14.83 6.83 5.33
CA ASP D 28 14.62 5.62 4.56
C ASP D 28 13.14 5.25 4.66
N PHE D 29 12.56 5.42 5.86
CA PHE D 29 11.16 5.12 6.09
C PHE D 29 10.28 6.04 5.24
N ALA D 30 10.56 7.33 5.30
CA ALA D 30 9.77 8.30 4.54
C ALA D 30 9.68 7.95 3.05
N TYR D 31 10.83 7.72 2.42
CA TYR D 31 10.85 7.37 1.01
C TYR D 31 10.25 5.99 0.74
N ALA D 32 10.32 5.11 1.73
CA ALA D 32 9.80 3.76 1.59
C ALA D 32 8.28 3.74 1.44
N ILE D 33 7.57 4.58 2.19
CA ILE D 33 6.12 4.60 2.06
C ILE D 33 5.72 5.36 0.78
N HIS D 34 6.47 6.41 0.43
CA HIS D 34 6.20 7.17 -0.79
C HIS D 34 7.19 8.31 -1.05
N SER D 35 7.66 8.42 -2.29
CA SER D 35 8.59 9.50 -2.66
C SER D 35 8.08 10.86 -2.19
N ALA D 36 6.78 11.09 -2.35
CA ALA D 36 6.20 12.38 -1.97
C ALA D 36 6.41 12.72 -0.50
N VAL D 37 6.32 11.74 0.39
CA VAL D 37 6.51 12.07 1.80
C VAL D 37 7.99 12.32 2.07
N GLY D 38 8.86 11.50 1.48
CA GLY D 38 10.28 11.70 1.67
C GLY D 38 10.72 13.05 1.13
N ASN D 39 10.23 13.42 -0.05
CA ASN D 39 10.60 14.70 -0.64
C ASN D 39 10.01 15.94 0.03
N ARG D 40 8.92 15.79 0.75
CA ARG D 40 8.31 16.93 1.43
C ARG D 40 8.53 16.91 2.95
N MSE D 41 9.37 15.99 3.43
CA MSE D 41 9.59 15.88 4.88
C MSE D 41 10.48 16.96 5.48
O MSE D 41 11.49 17.35 4.90
CB MSE D 41 10.12 14.50 5.23
CG MSE D 41 11.61 14.37 5.25
SE MSE D 41 12.24 12.58 5.69
CE MSE D 41 11.60 12.45 7.50
N ILE D 42 10.07 17.46 6.65
CA ILE D 42 10.84 18.47 7.37
C ILE D 42 11.11 18.03 8.82
N GLY D 43 10.51 16.91 9.23
CA GLY D 43 10.72 16.45 10.60
C GLY D 43 10.11 15.06 10.80
N ALA D 44 10.18 14.54 12.02
CA ALA D 44 9.63 13.22 12.32
C ALA D 44 9.42 12.95 13.81
N LYS D 45 8.38 12.18 14.11
CA LYS D 45 8.07 11.79 15.50
C LYS D 45 8.04 10.27 15.57
N VAL D 46 8.74 9.72 16.56
CA VAL D 46 8.78 8.29 16.73
C VAL D 46 8.09 8.01 18.07
N ASP D 47 7.00 7.26 18.03
CA ASP D 47 6.22 6.96 19.23
C ASP D 47 5.87 8.28 19.95
N GLY D 48 5.45 9.28 19.19
CA GLY D 48 5.05 10.56 19.77
C GLY D 48 6.10 11.61 20.13
N ARG D 49 7.38 11.28 20.06
CA ARG D 49 8.43 12.24 20.41
C ARG D 49 9.27 12.64 19.20
N ILE D 50 9.70 13.90 19.18
CA ILE D 50 10.50 14.43 18.09
C ILE D 50 11.87 13.77 18.10
N VAL D 51 12.37 13.39 16.93
CA VAL D 51 13.68 12.77 16.81
C VAL D 51 14.37 13.41 15.61
N PRO D 52 15.70 13.25 15.50
CA PRO D 52 16.40 13.83 14.36
C PRO D 52 16.04 13.02 13.11
N ILE D 53 16.09 13.68 11.97
CA ILE D 53 15.77 13.09 10.67
C ILE D 53 16.56 11.81 10.38
N ASP D 54 17.81 11.76 10.84
CA ASP D 54 18.59 10.55 10.59
C ASP D 54 18.51 9.52 11.72
N TYR D 55 17.50 9.65 12.57
CA TYR D 55 17.31 8.70 13.68
C TYR D 55 17.17 7.29 13.10
N LYS D 56 17.91 6.35 13.67
CA LYS D 56 17.85 4.96 13.20
C LYS D 56 16.71 4.27 13.94
N VAL D 57 15.74 3.76 13.21
CA VAL D 57 14.57 3.15 13.81
C VAL D 57 14.70 1.70 14.26
N LYS D 58 13.75 1.28 15.08
CA LYS D 58 13.76 -0.09 15.56
C LYS D 58 12.35 -0.69 15.54
N THR D 59 12.29 -2.01 15.38
CA THR D 59 11.04 -2.73 15.32
C THR D 59 10.04 -2.27 16.39
N GLY D 60 8.79 -2.06 15.97
CA GLY D 60 7.76 -1.63 16.90
C GLY D 60 7.48 -0.13 16.93
N GLU D 61 8.44 0.68 16.53
CA GLU D 61 8.25 2.13 16.55
C GLU D 61 7.26 2.66 15.52
N ILE D 62 6.48 3.65 15.93
CA ILE D 62 5.49 4.28 15.07
C ILE D 62 6.15 5.56 14.52
N ILE D 63 6.32 5.61 13.20
CA ILE D 63 6.97 6.73 12.54
C ILE D 63 6.00 7.71 11.91
N ASP D 64 5.93 8.91 12.47
CA ASP D 64 5.05 9.95 11.96
C ASP D 64 5.90 11.01 11.28
N VAL D 65 5.92 11.00 9.94
CA VAL D 65 6.72 11.97 9.19
C VAL D 65 6.00 13.31 9.08
N LEU D 66 6.70 14.39 9.45
CA LEU D 66 6.12 15.72 9.34
C LEU D 66 6.55 16.31 8.00
N THR D 67 5.58 16.79 7.24
CA THR D 67 5.85 17.38 5.93
C THR D 67 5.38 18.83 5.95
N THR D 68 5.84 19.59 4.96
CA THR D 68 5.50 21.00 4.85
C THR D 68 4.09 21.23 4.33
N LYS D 69 3.38 22.16 4.99
CA LYS D 69 2.01 22.51 4.62
C LYS D 69 1.90 23.08 3.20
N GLU E 7 13.94 1.63 -19.97
CA GLU E 7 12.75 2.45 -20.36
C GLU E 7 13.19 3.89 -20.65
N VAL E 8 13.10 4.30 -21.90
CA VAL E 8 13.48 5.66 -22.30
C VAL E 8 12.32 6.63 -22.15
N PHE E 9 12.64 7.92 -22.04
CA PHE E 9 11.62 8.95 -21.89
C PHE E 9 11.74 10.01 -22.99
N VAL E 10 10.96 9.86 -24.04
CA VAL E 10 10.97 10.81 -25.16
C VAL E 10 9.99 11.93 -24.90
N PHE E 11 10.09 13.01 -25.69
CA PHE E 11 9.20 14.15 -25.52
C PHE E 11 8.31 14.45 -26.71
N THR E 12 7.21 15.14 -26.41
CA THR E 12 6.25 15.57 -27.41
C THR E 12 6.66 16.98 -27.78
N PRO E 13 6.50 17.37 -29.05
CA PRO E 13 6.89 18.72 -29.45
C PRO E 13 6.17 19.80 -28.62
N LYS E 14 5.33 19.36 -27.70
CA LYS E 14 4.60 20.28 -26.83
C LYS E 14 5.21 20.37 -25.44
N GLY E 15 5.93 19.32 -25.04
CA GLY E 15 6.56 19.32 -23.73
C GLY E 15 6.01 18.25 -22.80
N ASP E 16 5.42 17.22 -23.39
CA ASP E 16 4.85 16.10 -22.62
C ASP E 16 5.72 14.88 -22.84
N VAL E 17 6.09 14.19 -21.77
CA VAL E 17 6.94 13.01 -21.87
C VAL E 17 6.18 11.69 -21.98
N ILE E 18 6.61 10.87 -22.94
CA ILE E 18 6.01 9.56 -23.17
C ILE E 18 7.01 8.47 -22.82
N SER E 19 6.62 7.60 -21.88
CA SER E 19 7.47 6.50 -21.43
C SER E 19 7.37 5.33 -22.37
N LEU E 20 8.51 4.80 -22.78
CA LEU E 20 8.57 3.67 -23.69
C LEU E 20 9.78 2.80 -23.35
N PRO E 21 9.63 1.48 -23.36
CA PRO E 21 10.77 0.62 -23.04
C PRO E 21 11.91 0.86 -24.03
N ILE E 22 13.15 0.72 -23.57
CA ILE E 22 14.30 0.94 -24.44
C ILE E 22 14.25 0.00 -25.64
N GLY E 23 14.62 0.52 -26.81
CA GLY E 23 14.61 -0.29 -28.01
C GLY E 23 13.42 0.04 -28.90
N SER E 24 12.45 0.75 -28.32
CA SER E 24 11.24 1.15 -29.04
C SER E 24 11.55 2.18 -30.13
N THR E 25 11.04 1.93 -31.33
CA THR E 25 11.25 2.82 -32.46
C THR E 25 10.25 3.97 -32.43
N VAL E 26 10.25 4.80 -33.47
CA VAL E 26 9.34 5.93 -33.57
C VAL E 26 7.91 5.43 -33.75
N ILE E 27 7.77 4.21 -34.26
CA ILE E 27 6.47 3.60 -34.49
C ILE E 27 5.82 3.31 -33.13
N ASP E 28 6.61 2.82 -32.19
CA ASP E 28 6.13 2.52 -30.85
C ASP E 28 5.68 3.81 -30.18
N PHE E 29 6.28 4.92 -30.59
CA PHE E 29 5.96 6.24 -30.05
C PHE E 29 4.65 6.76 -30.63
N ALA E 30 4.44 6.48 -31.91
CA ALA E 30 3.22 6.91 -32.59
C ALA E 30 1.98 6.23 -32.00
N TYR E 31 2.02 4.91 -31.91
CA TYR E 31 0.89 4.16 -31.36
C TYR E 31 0.73 4.39 -29.87
N ALA E 32 1.76 4.92 -29.23
CA ALA E 32 1.73 5.21 -27.80
C ALA E 32 0.90 6.48 -27.60
N ILE E 33 1.13 7.47 -28.46
CA ILE E 33 0.41 8.74 -28.42
C ILE E 33 -1.08 8.49 -28.71
N HIS E 34 -1.35 7.75 -29.78
CA HIS E 34 -2.72 7.43 -30.17
C HIS E 34 -2.68 6.57 -31.42
N SER E 35 -3.61 5.63 -31.53
CA SER E 35 -3.65 4.76 -32.69
C SER E 35 -3.84 5.56 -33.98
N ALA E 36 -4.53 6.70 -33.89
CA ALA E 36 -4.77 7.53 -35.06
C ALA E 36 -3.48 7.95 -35.73
N VAL E 37 -2.61 8.62 -34.97
CA VAL E 37 -1.34 9.09 -35.52
C VAL E 37 -0.47 7.91 -35.99
N GLY E 38 -0.64 6.75 -35.36
CA GLY E 38 0.14 5.60 -35.73
C GLY E 38 -0.26 4.99 -37.06
N ASN E 39 -1.55 5.08 -37.39
CA ASN E 39 -2.09 4.54 -38.63
C ASN E 39 -1.86 5.47 -39.82
N ARG E 40 -1.85 6.78 -39.54
CA ARG E 40 -1.65 7.78 -40.59
C ARG E 40 -0.18 8.18 -40.67
N MSE E 41 0.66 7.45 -39.96
CA MSE E 41 2.10 7.72 -39.92
C MSE E 41 2.79 7.46 -41.25
O MSE E 41 2.52 6.47 -41.93
CB MSE E 41 2.73 6.86 -38.82
CG MSE E 41 4.25 6.94 -38.73
SE MSE E 41 4.91 5.84 -37.29
CE MSE E 41 4.18 4.14 -37.85
N ILE E 42 3.68 8.37 -41.63
CA ILE E 42 4.43 8.24 -42.88
C ILE E 42 5.86 8.74 -42.73
N GLY E 43 6.19 9.28 -41.57
CA GLY E 43 7.54 9.78 -41.33
C GLY E 43 7.67 10.42 -39.96
N ALA E 44 8.90 10.63 -39.51
CA ALA E 44 9.14 11.23 -38.21
C ALA E 44 10.31 12.21 -38.24
N LYS E 45 10.46 12.97 -37.16
CA LYS E 45 11.53 13.95 -37.04
C LYS E 45 12.01 14.06 -35.59
N VAL E 46 13.12 13.39 -35.29
CA VAL E 46 13.67 13.43 -33.94
C VAL E 46 14.53 14.69 -33.73
N ASP E 47 14.17 15.47 -32.72
CA ASP E 47 14.88 16.70 -32.39
C ASP E 47 14.80 17.75 -33.49
N GLY E 48 14.33 17.36 -34.67
CA GLY E 48 14.20 18.28 -35.77
C GLY E 48 14.82 17.82 -37.06
N ARG E 49 14.93 16.52 -37.25
CA ARG E 49 15.52 15.96 -38.47
C ARG E 49 14.87 14.63 -38.85
N ILE E 50 14.68 14.44 -40.15
CA ILE E 50 14.07 13.22 -40.68
C ILE E 50 14.84 11.97 -40.27
N VAL E 51 14.12 10.89 -40.01
CA VAL E 51 14.73 9.62 -39.60
C VAL E 51 13.93 8.44 -40.16
N PRO E 52 14.51 7.22 -40.14
CA PRO E 52 13.83 6.03 -40.64
C PRO E 52 12.61 5.65 -39.81
N ILE E 53 11.66 4.98 -40.47
CA ILE E 53 10.42 4.54 -39.84
C ILE E 53 10.64 3.65 -38.61
N ASP E 54 11.78 2.97 -38.55
CA ASP E 54 12.05 2.09 -37.42
C ASP E 54 13.28 2.51 -36.61
N TYR E 55 13.52 3.81 -36.54
CA TYR E 55 14.64 4.35 -35.78
C TYR E 55 14.36 4.26 -34.28
N LYS E 56 15.14 3.44 -33.57
CA LYS E 56 14.96 3.29 -32.14
C LYS E 56 15.41 4.54 -31.39
N VAL E 57 14.43 5.35 -31.00
CA VAL E 57 14.66 6.60 -30.31
C VAL E 57 15.19 6.39 -28.88
N LYS E 58 15.86 7.42 -28.36
CA LYS E 58 16.41 7.38 -27.01
C LYS E 58 15.91 8.56 -26.18
N THR E 59 16.09 8.46 -24.86
CA THR E 59 15.66 9.49 -23.92
C THR E 59 16.12 10.90 -24.28
N GLY E 60 15.24 11.88 -24.09
CA GLY E 60 15.59 13.26 -24.38
C GLY E 60 15.18 13.75 -25.75
N GLU E 61 15.13 12.85 -26.74
CA GLU E 61 14.75 13.24 -28.10
C GLU E 61 13.29 13.65 -28.24
N ILE E 62 13.06 14.75 -28.93
CA ILE E 62 11.70 15.26 -29.16
C ILE E 62 11.19 14.69 -30.47
N ILE E 63 10.26 13.74 -30.38
CA ILE E 63 9.72 13.10 -31.57
C ILE E 63 8.49 13.82 -32.14
N ASP E 64 8.60 14.22 -33.41
CA ASP E 64 7.52 14.92 -34.10
C ASP E 64 7.04 14.03 -35.25
N VAL E 65 6.11 13.13 -34.97
CA VAL E 65 5.57 12.22 -35.98
C VAL E 65 4.84 12.99 -37.08
N LEU E 66 5.01 12.54 -38.33
CA LEU E 66 4.36 13.17 -39.47
C LEU E 66 3.24 12.28 -39.99
N THR E 67 2.05 12.85 -40.10
CA THR E 67 0.89 12.10 -40.59
C THR E 67 0.63 12.43 -42.06
N THR E 68 -0.32 11.72 -42.66
CA THR E 68 -0.67 11.92 -44.07
C THR E 68 -1.24 13.32 -44.29
N GLU F 6 -3.02 28.30 -13.26
CA GLU F 6 -2.95 26.92 -12.71
C GLU F 6 -2.60 25.91 -13.80
N GLU F 7 -2.85 24.64 -13.50
CA GLU F 7 -2.56 23.58 -14.46
C GLU F 7 -3.20 22.26 -14.06
N VAL F 8 -3.73 21.53 -15.03
CA VAL F 8 -4.35 20.24 -14.77
C VAL F 8 -3.50 19.14 -15.39
N PHE F 9 -3.51 17.98 -14.75
CA PHE F 9 -2.73 16.84 -15.23
C PHE F 9 -3.63 15.66 -15.52
N VAL F 10 -3.78 15.35 -16.81
CA VAL F 10 -4.63 14.25 -17.25
C VAL F 10 -3.77 13.15 -17.86
N PHE F 11 -4.38 12.00 -18.12
CA PHE F 11 -3.64 10.87 -18.66
C PHE F 11 -4.25 10.30 -19.94
N THR F 12 -3.37 9.75 -20.79
CA THR F 12 -3.81 9.12 -22.01
C THR F 12 -4.10 7.70 -21.53
N PRO F 13 -4.89 6.92 -22.29
CA PRO F 13 -5.20 5.54 -21.89
C PRO F 13 -3.98 4.65 -21.67
N LYS F 14 -2.84 5.08 -22.19
CA LYS F 14 -1.59 4.34 -22.06
C LYS F 14 -0.96 4.59 -20.69
N GLY F 15 -1.27 5.73 -20.09
CA GLY F 15 -0.72 6.05 -18.79
C GLY F 15 0.21 7.25 -18.79
N ASP F 16 0.44 7.84 -19.95
CA ASP F 16 1.32 9.01 -20.04
C ASP F 16 0.56 10.25 -19.63
N VAL F 17 1.19 11.08 -18.82
CA VAL F 17 0.56 12.30 -18.35
C VAL F 17 0.82 13.50 -19.25
N ILE F 18 -0.22 14.30 -19.48
CA ILE F 18 -0.08 15.50 -20.28
C ILE F 18 -0.70 16.64 -19.48
N SER F 19 -0.04 17.80 -19.49
CA SER F 19 -0.55 18.94 -18.75
C SER F 19 -1.05 20.07 -19.64
N LEU F 20 -2.17 20.64 -19.22
CA LEU F 20 -2.80 21.73 -19.95
C LEU F 20 -3.25 22.78 -18.95
N PRO F 21 -3.27 24.06 -19.36
CA PRO F 21 -3.72 25.07 -18.41
C PRO F 21 -5.13 24.72 -17.95
N ILE F 22 -5.52 25.22 -16.78
CA ILE F 22 -6.85 24.91 -16.28
C ILE F 22 -7.93 25.47 -17.19
N GLY F 23 -9.09 24.82 -17.19
CA GLY F 23 -10.18 25.26 -18.03
C GLY F 23 -10.09 24.61 -19.40
N SER F 24 -9.09 23.74 -19.58
CA SER F 24 -8.91 23.04 -20.85
C SER F 24 -9.96 21.96 -21.05
N THR F 25 -10.33 21.73 -22.32
CA THR F 25 -11.34 20.72 -22.67
C THR F 25 -10.67 19.54 -23.34
N VAL F 26 -11.46 18.50 -23.62
CA VAL F 26 -10.89 17.33 -24.28
C VAL F 26 -10.37 17.70 -25.66
N ILE F 27 -10.96 18.72 -26.29
CA ILE F 27 -10.53 19.19 -27.60
C ILE F 27 -9.07 19.68 -27.47
N ASP F 28 -8.81 20.49 -26.45
CA ASP F 28 -7.44 20.97 -26.22
C ASP F 28 -6.53 19.76 -26.05
N PHE F 29 -6.99 18.75 -25.32
CA PHE F 29 -6.22 17.55 -25.09
C PHE F 29 -5.90 16.83 -26.40
N ALA F 30 -6.91 16.60 -27.23
CA ALA F 30 -6.72 15.91 -28.50
C ALA F 30 -5.64 16.57 -29.35
N TYR F 31 -5.70 17.89 -29.45
CA TYR F 31 -4.72 18.64 -30.24
C TYR F 31 -3.34 18.64 -29.56
N ALA F 32 -3.32 18.64 -28.24
CA ALA F 32 -2.07 18.64 -27.49
C ALA F 32 -1.33 17.34 -27.77
N ILE F 33 -2.07 16.23 -27.78
CA ILE F 33 -1.48 14.93 -28.03
C ILE F 33 -0.86 14.92 -29.42
N HIS F 34 -1.63 15.40 -30.39
CA HIS F 34 -1.18 15.45 -31.77
C HIS F 34 -2.27 16.09 -32.60
N SER F 35 -1.88 16.79 -33.66
CA SER F 35 -2.85 17.46 -34.52
C SER F 35 -3.77 16.50 -35.28
N ALA F 36 -3.29 15.30 -35.56
CA ALA F 36 -4.08 14.31 -36.29
C ALA F 36 -5.22 13.76 -35.45
N VAL F 37 -5.01 13.71 -34.13
CA VAL F 37 -6.02 13.22 -33.22
C VAL F 37 -7.13 14.27 -33.10
N GLY F 38 -6.71 15.52 -32.91
CA GLY F 38 -7.68 16.61 -32.79
C GLY F 38 -8.50 16.83 -34.05
N ASN F 39 -7.89 16.60 -35.20
CA ASN F 39 -8.59 16.79 -36.47
C ASN F 39 -9.52 15.65 -36.87
N ARG F 40 -9.29 14.45 -36.34
CA ARG F 40 -10.14 13.30 -36.63
C ARG F 40 -11.11 12.98 -35.51
N MSE F 41 -11.13 13.77 -34.45
CA MSE F 41 -12.00 13.47 -33.33
C MSE F 41 -13.49 13.70 -33.57
O MSE F 41 -13.88 14.66 -34.23
CB MSE F 41 -11.57 14.24 -32.08
CG MSE F 41 -12.05 15.66 -32.01
SE MSE F 41 -11.40 16.57 -30.43
CE MSE F 41 -12.12 15.38 -29.11
N ILE F 42 -14.31 12.80 -33.04
CA ILE F 42 -15.75 12.90 -33.17
C ILE F 42 -16.40 12.76 -31.79
N GLY F 43 -15.59 12.37 -30.80
CA GLY F 43 -16.09 12.19 -29.44
C GLY F 43 -14.99 11.81 -28.48
N ALA F 44 -15.33 11.57 -27.22
CA ALA F 44 -14.34 11.22 -26.22
C ALA F 44 -14.92 10.52 -25.00
N LYS F 45 -14.03 9.88 -24.25
CA LYS F 45 -14.43 9.20 -23.03
C LYS F 45 -13.43 9.56 -21.94
N VAL F 46 -13.96 9.93 -20.77
CA VAL F 46 -13.11 10.25 -19.64
C VAL F 46 -13.40 9.22 -18.57
N ASP F 47 -12.36 8.54 -18.13
CA ASP F 47 -12.48 7.49 -17.12
C ASP F 47 -13.54 6.48 -17.57
N GLY F 48 -13.54 6.15 -18.87
CA GLY F 48 -14.47 5.17 -19.40
C GLY F 48 -15.89 5.61 -19.74
N ARG F 49 -16.24 6.85 -19.45
CA ARG F 49 -17.59 7.32 -19.73
C ARG F 49 -17.57 8.44 -20.76
N ILE F 50 -18.54 8.41 -21.67
CA ILE F 50 -18.64 9.42 -22.70
C ILE F 50 -18.99 10.77 -22.11
N VAL F 51 -18.43 11.82 -22.69
CA VAL F 51 -18.70 13.17 -22.24
C VAL F 51 -18.70 14.08 -23.45
N PRO F 52 -19.27 15.28 -23.31
CA PRO F 52 -19.29 16.20 -24.44
C PRO F 52 -17.87 16.57 -24.86
N ILE F 53 -17.72 16.92 -26.14
CA ILE F 53 -16.43 17.27 -26.70
C ILE F 53 -15.79 18.48 -26.02
N ASP F 54 -16.59 19.37 -25.44
CA ASP F 54 -16.04 20.53 -24.79
C ASP F 54 -16.03 20.37 -23.25
N TYR F 55 -15.89 19.13 -22.79
CA TYR F 55 -15.85 18.84 -21.36
C TYR F 55 -14.54 19.39 -20.78
N LYS F 56 -14.64 20.17 -19.70
CA LYS F 56 -13.45 20.72 -19.05
C LYS F 56 -12.84 19.66 -18.14
N VAL F 57 -11.72 19.10 -18.59
CA VAL F 57 -11.05 18.03 -17.87
C VAL F 57 -10.43 18.44 -16.52
N LYS F 58 -10.24 17.46 -15.65
CA LYS F 58 -9.65 17.68 -14.33
C LYS F 58 -8.53 16.68 -14.07
N THR F 59 -7.58 17.09 -13.21
CA THR F 59 -6.44 16.27 -12.86
C THR F 59 -6.83 14.85 -12.47
N GLY F 60 -6.11 13.88 -13.02
CA GLY F 60 -6.38 12.49 -12.73
C GLY F 60 -7.29 11.76 -13.69
N GLU F 61 -7.96 12.49 -14.58
CA GLU F 61 -8.85 11.82 -15.51
C GLU F 61 -8.13 11.18 -16.68
N ILE F 62 -8.69 10.09 -17.18
CA ILE F 62 -8.14 9.37 -18.32
C ILE F 62 -8.95 9.79 -19.54
N ILE F 63 -8.30 10.42 -20.51
CA ILE F 63 -8.99 10.87 -21.72
C ILE F 63 -8.72 9.99 -22.93
N ASP F 64 -9.77 9.35 -23.42
CA ASP F 64 -9.66 8.46 -24.57
C ASP F 64 -10.39 9.17 -25.73
N VAL F 65 -9.64 9.70 -26.68
CA VAL F 65 -10.25 10.41 -27.80
C VAL F 65 -10.77 9.46 -28.88
N LEU F 66 -12.06 9.58 -29.20
CA LEU F 66 -12.67 8.76 -30.23
C LEU F 66 -12.44 9.41 -31.59
N THR F 67 -11.52 8.86 -32.36
CA THR F 67 -11.19 9.38 -33.67
C THR F 67 -12.04 8.72 -34.75
N THR F 68 -12.17 9.38 -35.89
CA THR F 68 -12.97 8.87 -36.99
C THR F 68 -12.38 7.60 -37.61
N LYS F 69 -13.19 6.55 -37.66
CA LYS F 69 -12.76 5.27 -38.22
C LYS F 69 -12.35 5.39 -39.69
#